data_5XRR
# 
_entry.id   5XRR 
# 
_audit_conform.dict_name       mmcif_pdbx.dic 
_audit_conform.dict_version    5.387 
_audit_conform.dict_location   http://mmcif.pdb.org/dictionaries/ascii/mmcif_pdbx.dic 
# 
loop_
_database_2.database_id 
_database_2.database_code 
_database_2.pdbx_database_accession 
_database_2.pdbx_DOI 
PDB   5XRR         pdb_00005xrr 10.2210/pdb5xrr/pdb 
WWPDB D_1300004039 ?            ?                   
# 
loop_
_pdbx_audit_revision_history.ordinal 
_pdbx_audit_revision_history.data_content_type 
_pdbx_audit_revision_history.major_revision 
_pdbx_audit_revision_history.minor_revision 
_pdbx_audit_revision_history.revision_date 
1 'Structure model' 1 0 2018-04-04 
2 'Structure model' 1 1 2018-04-18 
3 'Structure model' 1 2 2024-03-27 
# 
_pdbx_audit_revision_details.ordinal             1 
_pdbx_audit_revision_details.revision_ordinal    1 
_pdbx_audit_revision_details.data_content_type   'Structure model' 
_pdbx_audit_revision_details.provider            repository 
_pdbx_audit_revision_details.type                'Initial release' 
_pdbx_audit_revision_details.description         ? 
_pdbx_audit_revision_details.details             ? 
# 
loop_
_pdbx_audit_revision_group.ordinal 
_pdbx_audit_revision_group.revision_ordinal 
_pdbx_audit_revision_group.data_content_type 
_pdbx_audit_revision_group.group 
1 2 'Structure model' 'Data collection'      
2 2 'Structure model' 'Database references'  
3 3 'Structure model' 'Data collection'      
4 3 'Structure model' 'Database references'  
5 3 'Structure model' 'Derived calculations' 
# 
loop_
_pdbx_audit_revision_category.ordinal 
_pdbx_audit_revision_category.revision_ordinal 
_pdbx_audit_revision_category.data_content_type 
_pdbx_audit_revision_category.category 
1 2 'Structure model' citation               
2 3 'Structure model' chem_comp_atom         
3 3 'Structure model' chem_comp_bond         
4 3 'Structure model' database_2             
5 3 'Structure model' pdbx_struct_conn_angle 
6 3 'Structure model' struct_conn            
# 
loop_
_pdbx_audit_revision_item.ordinal 
_pdbx_audit_revision_item.revision_ordinal 
_pdbx_audit_revision_item.data_content_type 
_pdbx_audit_revision_item.item 
1  2 'Structure model' '_citation.journal_abbrev'                    
2  2 'Structure model' '_citation.journal_volume'                    
3  2 'Structure model' '_citation.page_first'                        
4  2 'Structure model' '_citation.page_last'                         
5  2 'Structure model' '_citation.pdbx_database_id_PubMed'           
6  2 'Structure model' '_citation.title'                             
7  3 'Structure model' '_database_2.pdbx_DOI'                        
8  3 'Structure model' '_database_2.pdbx_database_accession'         
9  3 'Structure model' '_pdbx_struct_conn_angle.ptnr1_auth_comp_id'  
10 3 'Structure model' '_pdbx_struct_conn_angle.ptnr1_auth_seq_id'   
11 3 'Structure model' '_pdbx_struct_conn_angle.ptnr1_label_atom_id' 
12 3 'Structure model' '_pdbx_struct_conn_angle.ptnr1_label_comp_id' 
13 3 'Structure model' '_pdbx_struct_conn_angle.ptnr1_label_seq_id'  
14 3 'Structure model' '_pdbx_struct_conn_angle.ptnr2_symmetry'      
15 3 'Structure model' '_pdbx_struct_conn_angle.ptnr3_auth_comp_id'  
16 3 'Structure model' '_pdbx_struct_conn_angle.ptnr3_auth_seq_id'   
17 3 'Structure model' '_pdbx_struct_conn_angle.ptnr3_label_atom_id' 
18 3 'Structure model' '_pdbx_struct_conn_angle.ptnr3_label_comp_id' 
19 3 'Structure model' '_pdbx_struct_conn_angle.ptnr3_label_seq_id'  
20 3 'Structure model' '_pdbx_struct_conn_angle.value'               
21 3 'Structure model' '_struct_conn.pdbx_dist_value'                
22 3 'Structure model' '_struct_conn.ptnr1_auth_comp_id'             
23 3 'Structure model' '_struct_conn.ptnr1_auth_seq_id'              
24 3 'Structure model' '_struct_conn.ptnr1_label_atom_id'            
25 3 'Structure model' '_struct_conn.ptnr1_label_comp_id'            
26 3 'Structure model' '_struct_conn.ptnr1_label_seq_id'             
27 3 'Structure model' '_struct_conn.ptnr2_symmetry'                 
# 
_pdbx_database_status.status_code                     REL 
_pdbx_database_status.status_code_sf                  REL 
_pdbx_database_status.status_code_mr                  ? 
_pdbx_database_status.entry_id                        5XRR 
_pdbx_database_status.recvd_initial_deposition_date   2017-06-09 
_pdbx_database_status.SG_entry                        N 
_pdbx_database_status.deposit_site                    PDBJ 
_pdbx_database_status.process_site                    PDBJ 
_pdbx_database_status.status_code_cs                  ? 
_pdbx_database_status.methods_development_category    ? 
_pdbx_database_status.pdb_format_compatible           Y 
_pdbx_database_status.status_code_nmr_data            ? 
# 
loop_
_audit_author.name 
_audit_author.pdbx_ordinal 
_audit_author.identifier_ORCID 
'Zhao, M.' 1 ? 
'Gui, X.'  2 ? 
'Li, D.'   3 ? 
'Liu, C.'  4 ? 
# 
_citation.abstract                  ? 
_citation.abstract_id_CAS           ? 
_citation.book_id_ISBN              ? 
_citation.book_publisher            ? 
_citation.book_publisher_city       ? 
_citation.book_title                ? 
_citation.coordinate_linkage        ? 
_citation.country                   US 
_citation.database_id_Medline       ? 
_citation.details                   ? 
_citation.id                        primary 
_citation.journal_abbrev            'Nat. Struct. Mol. Biol.' 
_citation.journal_id_ASTM           ? 
_citation.journal_id_CSD            ? 
_citation.journal_id_ISSN           1545-9985 
_citation.journal_full              ? 
_citation.journal_issue             ? 
_citation.journal_volume            25 
_citation.language                  ? 
_citation.page_first                341 
_citation.page_last                 346 
_citation.title                     
'Atomic structures of FUS LC domain segments reveal bases for reversible amyloid fibril formation.' 
_citation.year                      2018 
_citation.database_id_CSD           ? 
_citation.pdbx_database_id_DOI      10.1038/s41594-018-0050-8 
_citation.pdbx_database_id_PubMed   29610493 
_citation.unpublished_flag          ? 
# 
loop_
_citation_author.citation_id 
_citation_author.name 
_citation_author.ordinal 
_citation_author.identifier_ORCID 
primary 'Luo, F.'  1  ? 
primary 'Gui, X.'  2  ? 
primary 'Zhou, H.' 3  ? 
primary 'Gu, J.'   4  ? 
primary 'Li, Y.'   5  ? 
primary 'Liu, X.'  6  ? 
primary 'Zhao, M.' 7  ? 
primary 'Li, D.'   8  ? 
primary 'Li, X.'   9  ? 
primary 'Liu, C.'  10 ? 
# 
loop_
_entity.id 
_entity.type 
_entity.src_method 
_entity.pdbx_description 
_entity.formula_weight 
_entity.pdbx_number_of_molecules 
_entity.pdbx_ec 
_entity.pdbx_mutation 
_entity.pdbx_fragment 
_entity.details 
1 polymer     syn 'RNA-binding protein FUS' 662.648 1 ? ? 'UNP RESIDUES 54-59' ? 
2 non-polymer syn 'ZINC ION'                65.409  1 ? ? ?                    ? 
3 water       nat water                     18.015  5 ? ? ?                    ? 
# 
_entity_name_com.entity_id   1 
_entity_name_com.name        '75 kDa DNA-pairing protein,Oncogene FUS,Oncogene TLS,POMp75,Translocated in liposarcoma protein' 
# 
_entity_poly.entity_id                      1 
_entity_poly.type                           'polypeptide(L)' 
_entity_poly.nstd_linkage                   no 
_entity_poly.nstd_monomer                   no 
_entity_poly.pdbx_seq_one_letter_code       SYSSYG 
_entity_poly.pdbx_seq_one_letter_code_can   SYSSYG 
_entity_poly.pdbx_strand_id                 A 
_entity_poly.pdbx_target_identifier         ? 
# 
loop_
_pdbx_entity_nonpoly.entity_id 
_pdbx_entity_nonpoly.name 
_pdbx_entity_nonpoly.comp_id 
2 'ZINC ION' ZN  
3 water      HOH 
# 
loop_
_entity_poly_seq.entity_id 
_entity_poly_seq.num 
_entity_poly_seq.mon_id 
_entity_poly_seq.hetero 
1 1 SER n 
1 2 TYR n 
1 3 SER n 
1 4 SER n 
1 5 TYR n 
1 6 GLY n 
# 
_pdbx_entity_src_syn.entity_id              1 
_pdbx_entity_src_syn.pdbx_src_id            1 
_pdbx_entity_src_syn.pdbx_alt_source_flag   sample 
_pdbx_entity_src_syn.pdbx_beg_seq_num       1 
_pdbx_entity_src_syn.pdbx_end_seq_num       6 
_pdbx_entity_src_syn.organism_scientific    'Homo sapiens' 
_pdbx_entity_src_syn.organism_common_name   Human 
_pdbx_entity_src_syn.ncbi_taxonomy_id       9606 
_pdbx_entity_src_syn.details                ? 
# 
loop_
_chem_comp.id 
_chem_comp.type 
_chem_comp.mon_nstd_flag 
_chem_comp.name 
_chem_comp.pdbx_synonyms 
_chem_comp.formula 
_chem_comp.formula_weight 
GLY 'peptide linking'   y GLYCINE    ? 'C2 H5 N O2'  75.067  
HOH non-polymer         . WATER      ? 'H2 O'        18.015  
SER 'L-peptide linking' y SERINE     ? 'C3 H7 N O3'  105.093 
TYR 'L-peptide linking' y TYROSINE   ? 'C9 H11 N O3' 181.189 
ZN  non-polymer         . 'ZINC ION' ? 'Zn 2'        65.409  
# 
loop_
_pdbx_poly_seq_scheme.asym_id 
_pdbx_poly_seq_scheme.entity_id 
_pdbx_poly_seq_scheme.seq_id 
_pdbx_poly_seq_scheme.mon_id 
_pdbx_poly_seq_scheme.ndb_seq_num 
_pdbx_poly_seq_scheme.pdb_seq_num 
_pdbx_poly_seq_scheme.auth_seq_num 
_pdbx_poly_seq_scheme.pdb_mon_id 
_pdbx_poly_seq_scheme.auth_mon_id 
_pdbx_poly_seq_scheme.pdb_strand_id 
_pdbx_poly_seq_scheme.pdb_ins_code 
_pdbx_poly_seq_scheme.hetero 
A 1 1 SER 1 69 69 SER SER A . n 
A 1 2 TYR 2 70 70 TYR TYR A . n 
A 1 3 SER 3 71 71 SER SER A . n 
A 1 4 SER 4 72 72 SER SER A . n 
A 1 5 TYR 5 73 73 TYR TYR A . n 
A 1 6 GLY 6 74 74 GLY GLY A . n 
# 
loop_
_pdbx_nonpoly_scheme.asym_id 
_pdbx_nonpoly_scheme.entity_id 
_pdbx_nonpoly_scheme.mon_id 
_pdbx_nonpoly_scheme.ndb_seq_num 
_pdbx_nonpoly_scheme.pdb_seq_num 
_pdbx_nonpoly_scheme.auth_seq_num 
_pdbx_nonpoly_scheme.pdb_mon_id 
_pdbx_nonpoly_scheme.auth_mon_id 
_pdbx_nonpoly_scheme.pdb_strand_id 
_pdbx_nonpoly_scheme.pdb_ins_code 
B 2 ZN  1 101 1 ZN  ZN  A . 
C 3 HOH 1 201 4 HOH HOH A . 
C 3 HOH 2 202 5 HOH HOH A . 
C 3 HOH 3 203 1 HOH HOH A . 
C 3 HOH 4 204 3 HOH HOH A . 
C 3 HOH 5 205 2 HOH HOH A . 
# 
loop_
_software.citation_id 
_software.classification 
_software.compiler_name 
_software.compiler_version 
_software.contact_author 
_software.contact_author_email 
_software.date 
_software.description 
_software.dependencies 
_software.hardware 
_software.language 
_software.location 
_software.mods 
_software.name 
_software.os 
_software.os_version 
_software.type 
_software.version 
_software.pdbx_ordinal 
? 'data scaling'    ? ? ? ? ? ? ? ? ? ? ? XSCALE      ? ? ? .           1 
? refinement        ? ? ? ? ? ? ? ? ? ? ? PHENIX      ? ? ? 1.11.1_2575 2 
? 'data extraction' ? ? ? ? ? ? ? ? ? ? ? PDB_EXTRACT ? ? ? 3.22        3 
# 
_cell.angle_alpha                  90.000 
_cell.angle_alpha_esd              ? 
_cell.angle_beta                   90.000 
_cell.angle_beta_esd               ? 
_cell.angle_gamma                  90.000 
_cell.angle_gamma_esd              ? 
_cell.entry_id                     5XRR 
_cell.details                      ? 
_cell.formula_units_Z              ? 
_cell.length_a                     28.240 
_cell.length_a_esd                 ? 
_cell.length_b                     30.270 
_cell.length_b_esd                 ? 
_cell.length_c                     4.780 
_cell.length_c_esd                 ? 
_cell.volume                       ? 
_cell.volume_esd                   ? 
_cell.Z_PDB                        4 
_cell.reciprocal_angle_alpha       ? 
_cell.reciprocal_angle_beta        ? 
_cell.reciprocal_angle_gamma       ? 
_cell.reciprocal_angle_alpha_esd   ? 
_cell.reciprocal_angle_beta_esd    ? 
_cell.reciprocal_angle_gamma_esd   ? 
_cell.reciprocal_length_a          ? 
_cell.reciprocal_length_b          ? 
_cell.reciprocal_length_c          ? 
_cell.reciprocal_length_a_esd      ? 
_cell.reciprocal_length_b_esd      ? 
_cell.reciprocal_length_c_esd      ? 
_cell.pdbx_unique_axis             ? 
# 
_symmetry.entry_id                         5XRR 
_symmetry.cell_setting                     ? 
_symmetry.Int_Tables_number                18 
_symmetry.space_group_name_Hall            ? 
_symmetry.space_group_name_H-M             'P 21 21 2' 
_symmetry.pdbx_full_space_group_name_H-M   ? 
# 
_exptl.absorpt_coefficient_mu     ? 
_exptl.absorpt_correction_T_max   ? 
_exptl.absorpt_correction_T_min   ? 
_exptl.absorpt_correction_type    ? 
_exptl.absorpt_process_details    ? 
_exptl.entry_id                   5XRR 
_exptl.crystals_number            1 
_exptl.details                    ? 
_exptl.method                     'X-RAY DIFFRACTION' 
_exptl.method_details             ? 
# 
_exptl_crystal.colour                      ? 
_exptl_crystal.density_diffrn              ? 
_exptl_crystal.density_Matthews            1.54 
_exptl_crystal.density_method              ? 
_exptl_crystal.density_percent_sol         20.21 
_exptl_crystal.description                 ? 
_exptl_crystal.F_000                       ? 
_exptl_crystal.id                          1 
_exptl_crystal.preparation                 ? 
_exptl_crystal.size_max                    ? 
_exptl_crystal.size_mid                    ? 
_exptl_crystal.size_min                    ? 
_exptl_crystal.size_rad                    ? 
_exptl_crystal.colour_lustre               ? 
_exptl_crystal.colour_modifier             ? 
_exptl_crystal.colour_primary              ? 
_exptl_crystal.density_meas                ? 
_exptl_crystal.density_meas_esd            ? 
_exptl_crystal.density_meas_gt             ? 
_exptl_crystal.density_meas_lt             ? 
_exptl_crystal.density_meas_temp           ? 
_exptl_crystal.density_meas_temp_esd       ? 
_exptl_crystal.density_meas_temp_gt        ? 
_exptl_crystal.density_meas_temp_lt        ? 
_exptl_crystal.pdbx_crystal_image_url      ? 
_exptl_crystal.pdbx_crystal_image_format   ? 
_exptl_crystal.pdbx_mosaicity              ? 
_exptl_crystal.pdbx_mosaicity_esd          ? 
# 
_exptl_crystal_grow.apparatus       ? 
_exptl_crystal_grow.atmosphere      ? 
_exptl_crystal_grow.crystal_id      1 
_exptl_crystal_grow.details         ? 
_exptl_crystal_grow.method          'VAPOR DIFFUSION, HANGING DROP' 
_exptl_crystal_grow.method_ref      ? 
_exptl_crystal_grow.pH              8.0 
_exptl_crystal_grow.pressure        ? 
_exptl_crystal_grow.pressure_esd    ? 
_exptl_crystal_grow.seeding         ? 
_exptl_crystal_grow.seeding_ref     ? 
_exptl_crystal_grow.temp            289 
_exptl_crystal_grow.temp_details    ? 
_exptl_crystal_grow.temp_esd        ? 
_exptl_crystal_grow.time            ? 
_exptl_crystal_grow.pdbx_details    '2.5 M NaCl, 0.1 M imidazole pH 8.0, 0.2 M zinc acetate' 
_exptl_crystal_grow.pdbx_pH_range   ? 
# 
_diffrn.ambient_environment    ? 
_diffrn.ambient_temp           100 
_diffrn.ambient_temp_details   ? 
_diffrn.ambient_temp_esd       ? 
_diffrn.crystal_id             1 
_diffrn.crystal_support        ? 
_diffrn.crystal_treatment      ? 
_diffrn.details                ? 
_diffrn.id                     1 
_diffrn.ambient_pressure       ? 
_diffrn.ambient_pressure_esd   ? 
_diffrn.ambient_pressure_gt    ? 
_diffrn.ambient_pressure_lt    ? 
_diffrn.ambient_temp_gt        ? 
_diffrn.ambient_temp_lt        ? 
# 
_diffrn_detector.details                      ? 
_diffrn_detector.detector                     CCD 
_diffrn_detector.diffrn_id                    1 
_diffrn_detector.type                         'RAYONIX MX-225' 
_diffrn_detector.area_resol_mean              ? 
_diffrn_detector.dtime                        ? 
_diffrn_detector.pdbx_frames_total            ? 
_diffrn_detector.pdbx_collection_time_total   ? 
_diffrn_detector.pdbx_collection_date         2015-10-28 
# 
_diffrn_radiation.collimation                      ? 
_diffrn_radiation.diffrn_id                        1 
_diffrn_radiation.filter_edge                      ? 
_diffrn_radiation.inhomogeneity                    ? 
_diffrn_radiation.monochromator                    ? 
_diffrn_radiation.polarisn_norm                    ? 
_diffrn_radiation.polarisn_ratio                   ? 
_diffrn_radiation.probe                            ? 
_diffrn_radiation.type                             ? 
_diffrn_radiation.xray_symbol                      ? 
_diffrn_radiation.wavelength_id                    1 
_diffrn_radiation.pdbx_monochromatic_or_laue_m_l   M 
_diffrn_radiation.pdbx_wavelength_list             ? 
_diffrn_radiation.pdbx_wavelength                  ? 
_diffrn_radiation.pdbx_diffrn_protocol             'SINGLE WAVELENGTH' 
_diffrn_radiation.pdbx_analyzer                    ? 
_diffrn_radiation.pdbx_scattering_type             x-ray 
# 
_diffrn_radiation_wavelength.id           1 
_diffrn_radiation_wavelength.wavelength   0.9791 
_diffrn_radiation_wavelength.wt           1.0 
# 
_diffrn_source.current                     ? 
_diffrn_source.details                     ? 
_diffrn_source.diffrn_id                   1 
_diffrn_source.power                       ? 
_diffrn_source.size                        ? 
_diffrn_source.source                      SYNCHROTRON 
_diffrn_source.target                      ? 
_diffrn_source.type                        'SSRF BEAMLINE BL17U1' 
_diffrn_source.voltage                     ? 
_diffrn_source.take-off_angle              ? 
_diffrn_source.pdbx_wavelength_list        0.9791 
_diffrn_source.pdbx_wavelength             ? 
_diffrn_source.pdbx_synchrotron_beamline   BL17U1 
_diffrn_source.pdbx_synchrotron_site       SSRF 
# 
_reflns.B_iso_Wilson_estimate            7.770 
_reflns.entry_id                         5XRR 
_reflns.data_reduction_details           ? 
_reflns.data_reduction_method            ? 
_reflns.d_resolution_high                1.500 
_reflns.d_resolution_low                 20.649 
_reflns.details                          ? 
_reflns.limit_h_max                      ? 
_reflns.limit_h_min                      ? 
_reflns.limit_k_max                      ? 
_reflns.limit_k_min                      ? 
_reflns.limit_l_max                      ? 
_reflns.limit_l_min                      ? 
_reflns.number_all                       ? 
_reflns.number_obs                       1197 
_reflns.observed_criterion               ? 
_reflns.observed_criterion_F_max         ? 
_reflns.observed_criterion_F_min         ? 
_reflns.observed_criterion_I_max         ? 
_reflns.observed_criterion_I_min         ? 
_reflns.observed_criterion_sigma_F       ? 
_reflns.observed_criterion_sigma_I       -3.000 
_reflns.percent_possible_obs             94.300 
_reflns.R_free_details                   ? 
_reflns.Rmerge_F_all                     ? 
_reflns.Rmerge_F_obs                     ? 
_reflns.Friedel_coverage                 ? 
_reflns.number_gt                        ? 
_reflns.threshold_expression             ? 
_reflns.pdbx_redundancy                  7.674 
_reflns.pdbx_Rmerge_I_obs                0.422 
_reflns.pdbx_Rmerge_I_all                ? 
_reflns.pdbx_Rsym_value                  ? 
_reflns.pdbx_netI_over_av_sigmaI         ? 
_reflns.pdbx_netI_over_sigmaI            3.370 
_reflns.pdbx_res_netI_over_av_sigmaI_2   ? 
_reflns.pdbx_res_netI_over_sigmaI_2      ? 
_reflns.pdbx_chi_squared                 ? 
_reflns.pdbx_scaling_rejects             0 
_reflns.pdbx_d_res_high_opt              ? 
_reflns.pdbx_d_res_low_opt               ? 
_reflns.pdbx_d_res_opt_method            ? 
_reflns.phase_calculation_details        ? 
_reflns.pdbx_Rrim_I_all                  0.453 
_reflns.pdbx_Rpim_I_all                  ? 
_reflns.pdbx_d_opt                       ? 
_reflns.pdbx_number_measured_all         9186 
_reflns.pdbx_diffrn_id                   1 
_reflns.pdbx_ordinal                     1 
_reflns.pdbx_CC_half                     0.972 
_reflns.pdbx_R_split                     ? 
# 
loop_
_reflns_shell.d_res_high 
_reflns_shell.d_res_low 
_reflns_shell.meanI_over_sigI_all 
_reflns_shell.meanI_over_sigI_obs 
_reflns_shell.number_measured_all 
_reflns_shell.number_measured_obs 
_reflns_shell.number_possible 
_reflns_shell.number_unique_all 
_reflns_shell.number_unique_obs 
_reflns_shell.percent_possible_all 
_reflns_shell.percent_possible_obs 
_reflns_shell.Rmerge_F_all 
_reflns_shell.Rmerge_F_obs 
_reflns_shell.Rmerge_I_all 
_reflns_shell.Rmerge_I_obs 
_reflns_shell.meanI_over_sigI_gt 
_reflns_shell.meanI_over_uI_all 
_reflns_shell.meanI_over_uI_gt 
_reflns_shell.number_measured_gt 
_reflns_shell.number_unique_gt 
_reflns_shell.percent_possible_gt 
_reflns_shell.Rmerge_F_gt 
_reflns_shell.Rmerge_I_gt 
_reflns_shell.pdbx_redundancy 
_reflns_shell.pdbx_Rsym_value 
_reflns_shell.pdbx_chi_squared 
_reflns_shell.pdbx_netI_over_sigmaI_all 
_reflns_shell.pdbx_netI_over_sigmaI_obs 
_reflns_shell.pdbx_Rrim_I_all 
_reflns_shell.pdbx_Rpim_I_all 
_reflns_shell.pdbx_rejects 
_reflns_shell.pdbx_ordinal 
_reflns_shell.pdbx_diffrn_id 
_reflns_shell.pdbx_CC_half 
_reflns_shell.pdbx_R_split 
1.500  1.600  ? 1.520 ? ? ? ? 194 75.800  ? ? ? ? 0.821 ? ? ? ? ? ? ? ? 7.345 ? ? ? ? 0.881 ? ? 1 1 0.711 ? 
1.600  1.800  ? 2.420 ? ? ? ? 271 100.000 ? ? ? ? 0.627 ? ? ? ? ? ? ? ? 7.716 ? ? ? ? 0.673 ? ? 2 1 0.798 ? 
1.800  2.000  ? 3.410 ? ? ? ? 198 100.000 ? ? ? ? 0.515 ? ? ? ? ? ? ? ? 7.773 ? ? ? ? 0.552 ? ? 3 1 0.801 ? 
2.000  2.300  ? 3.980 ? ? ? ? 206 100.000 ? ? ? ? 0.483 ? ? ? ? ? ? ? ? 7.825 ? ? ? ? 0.517 ? ? 4 1 0.824 ? 
2.300  3.000  ? 4.280 ? ? ? ? 164 93.700  ? ? ? ? 0.405 ? ? ? ? ? ? ? ? 7.677 ? ? ? ? 0.434 ? ? 5 1 0.952 ? 
3.000  5.000  ? 5.410 ? ? ? ? 138 100.000 ? ? ? ? 0.314 ? ? ? ? ? ? ? ? 7.768 ? ? ? ? 0.339 ? ? 6 1 0.979 ? 
5.000  8.000  ? 4.920 ? ? ? ? 17  100.000 ? ? ? ? 0.332 ? ? ? ? ? ? ? ? 7.294 ? ? ? ? 0.362 ? ? 7 1 0.990 ? 
8.000  10.000 ? 6.700 ? ? ? ? 3   100.000 ? ? ? ? 0.316 ? ? ? ? ? ? ? ? 8.000 ? ? ? ? 0.338 ? ? 8 1 ?     ? 
10.000 20.649 ? 6.170 ? ? ? ? 6   100.000 ? ? ? ? 0.248 ? ? ? ? ? ? ? ? 6.667 ? ? ? ? 0.270 ? ? 9 1 0.998 ? 
# 
_refine.aniso_B[1][1]                            ? 
_refine.aniso_B[1][2]                            ? 
_refine.aniso_B[1][3]                            ? 
_refine.aniso_B[2][2]                            ? 
_refine.aniso_B[2][3]                            ? 
_refine.aniso_B[3][3]                            ? 
_refine.B_iso_max                                35.230 
_refine.B_iso_mean                               7.8040 
_refine.B_iso_min                                1.160 
_refine.correlation_coeff_Fo_to_Fc               ? 
_refine.correlation_coeff_Fo_to_Fc_free          ? 
_refine.details                                  ? 
_refine.diff_density_max                         ? 
_refine.diff_density_max_esd                     ? 
_refine.diff_density_min                         ? 
_refine.diff_density_min_esd                     ? 
_refine.diff_density_rms                         ? 
_refine.diff_density_rms_esd                     ? 
_refine.entry_id                                 5XRR 
_refine.pdbx_refine_id                           'X-RAY DIFFRACTION' 
_refine.ls_abs_structure_details                 ? 
_refine.ls_abs_structure_Flack                   ? 
_refine.ls_abs_structure_Flack_esd               ? 
_refine.ls_abs_structure_Rogers                  ? 
_refine.ls_abs_structure_Rogers_esd              ? 
_refine.ls_d_res_high                            1.5030 
_refine.ls_d_res_low                             20.6490 
_refine.ls_extinction_coef                       ? 
_refine.ls_extinction_coef_esd                   ? 
_refine.ls_extinction_expression                 ? 
_refine.ls_extinction_method                     ? 
_refine.ls_goodness_of_fit_all                   ? 
_refine.ls_goodness_of_fit_all_esd               ? 
_refine.ls_goodness_of_fit_obs                   ? 
_refine.ls_goodness_of_fit_obs_esd               ? 
_refine.ls_hydrogen_treatment                    ? 
_refine.ls_matrix_type                           ? 
_refine.ls_number_constraints                    ? 
_refine.ls_number_parameters                     ? 
_refine.ls_number_reflns_all                     ? 
_refine.ls_number_reflns_obs                     779 
_refine.ls_number_reflns_R_free                  78 
_refine.ls_number_reflns_R_work                  ? 
_refine.ls_number_restraints                     ? 
_refine.ls_percent_reflns_obs                    94.8800 
_refine.ls_percent_reflns_R_free                 10.0100 
_refine.ls_R_factor_all                          ? 
_refine.ls_R_factor_obs                          0.2098 
_refine.ls_R_factor_R_free                       0.2407 
_refine.ls_R_factor_R_free_error                 ? 
_refine.ls_R_factor_R_free_error_details         ? 
_refine.ls_R_factor_R_work                       0.2040 
_refine.ls_R_Fsqd_factor_obs                     ? 
_refine.ls_R_I_factor_obs                        ? 
_refine.ls_redundancy_reflns_all                 ? 
_refine.ls_redundancy_reflns_obs                 ? 
_refine.ls_restrained_S_all                      ? 
_refine.ls_restrained_S_obs                      ? 
_refine.ls_shift_over_esd_max                    ? 
_refine.ls_shift_over_esd_mean                   ? 
_refine.ls_structure_factor_coef                 ? 
_refine.ls_weighting_details                     ? 
_refine.ls_weighting_scheme                      ? 
_refine.ls_wR_factor_all                         ? 
_refine.ls_wR_factor_obs                         ? 
_refine.ls_wR_factor_R_free                      ? 
_refine.ls_wR_factor_R_work                      ? 
_refine.occupancy_max                            ? 
_refine.occupancy_min                            ? 
_refine.solvent_model_details                    ? 
_refine.solvent_model_param_bsol                 ? 
_refine.solvent_model_param_ksol                 ? 
_refine.ls_R_factor_gt                           ? 
_refine.ls_goodness_of_fit_gt                    ? 
_refine.ls_goodness_of_fit_ref                   ? 
_refine.ls_shift_over_su_max                     ? 
_refine.ls_shift_over_su_max_lt                  ? 
_refine.ls_shift_over_su_mean                    ? 
_refine.ls_shift_over_su_mean_lt                 ? 
_refine.pdbx_ls_sigma_I                          ? 
_refine.pdbx_ls_sigma_F                          1.440 
_refine.pdbx_ls_sigma_Fsqd                       ? 
_refine.pdbx_data_cutoff_high_absF               ? 
_refine.pdbx_data_cutoff_high_rms_absF           ? 
_refine.pdbx_data_cutoff_low_absF                ? 
_refine.pdbx_isotropic_thermal_model             ? 
_refine.pdbx_ls_cross_valid_method               'FREE R-VALUE' 
_refine.pdbx_method_to_determine_struct          ? 
_refine.pdbx_starting_model                      ? 
_refine.pdbx_stereochemistry_target_values       ? 
_refine.pdbx_R_Free_selection_details            ? 
_refine.pdbx_stereochem_target_val_spec_case     ? 
_refine.pdbx_overall_ESU_R                       ? 
_refine.pdbx_overall_ESU_R_Free                  ? 
_refine.pdbx_solvent_vdw_probe_radii             1.1100 
_refine.pdbx_solvent_ion_probe_radii             ? 
_refine.pdbx_solvent_shrinkage_radii             0.9000 
_refine.pdbx_real_space_R                        ? 
_refine.pdbx_density_correlation                 ? 
_refine.pdbx_pd_number_of_powder_patterns        ? 
_refine.pdbx_pd_number_of_points                 ? 
_refine.pdbx_pd_meas_number_of_points            ? 
_refine.pdbx_pd_proc_ls_prof_R_factor            ? 
_refine.pdbx_pd_proc_ls_prof_wR_factor           ? 
_refine.pdbx_pd_Marquardt_correlation_coeff      ? 
_refine.pdbx_pd_Fsqrd_R_factor                   ? 
_refine.pdbx_pd_ls_matrix_band_width             ? 
_refine.pdbx_overall_phase_error                 11.9700 
_refine.pdbx_overall_SU_R_free_Cruickshank_DPI   ? 
_refine.pdbx_overall_SU_R_free_Blow_DPI          ? 
_refine.pdbx_overall_SU_R_Blow_DPI               ? 
_refine.pdbx_TLS_residual_ADP_flag               ? 
_refine.pdbx_diffrn_id                           1 
_refine.overall_SU_B                             ? 
_refine.overall_SU_ML                            0.1700 
_refine.overall_SU_R_Cruickshank_DPI             ? 
_refine.overall_SU_R_free                        ? 
_refine.overall_FOM_free_R_set                   ? 
_refine.overall_FOM_work_R_set                   ? 
_refine.pdbx_average_fsc_overall                 ? 
_refine.pdbx_average_fsc_work                    ? 
_refine.pdbx_average_fsc_free                    ? 
# 
_refine_hist.cycle_id                         final 
_refine_hist.pdbx_refine_id                   'X-RAY DIFFRACTION' 
_refine_hist.d_res_high                       1.5030 
_refine_hist.d_res_low                        20.6490 
_refine_hist.pdbx_number_atoms_ligand         1 
_refine_hist.number_atoms_solvent             5 
_refine_hist.number_atoms_total               53 
_refine_hist.pdbx_number_residues_total       6 
_refine_hist.pdbx_B_iso_mean_ligand           13.59 
_refine_hist.pdbx_B_iso_mean_solvent          17.70 
_refine_hist.pdbx_number_atoms_protein        47 
_refine_hist.pdbx_number_atoms_nucleic_acid   0 
# 
loop_
_refine_ls_restr.pdbx_refine_id 
_refine_ls_restr.criterion 
_refine_ls_restr.dev_ideal 
_refine_ls_restr.dev_ideal_target 
_refine_ls_restr.number 
_refine_ls_restr.rejects 
_refine_ls_restr.type 
_refine_ls_restr.weight 
_refine_ls_restr.pdbx_restraint_function 
'X-RAY DIFFRACTION' ? 0.007 ? 48 ? f_bond_d           ? ? 
'X-RAY DIFFRACTION' ? 1.130 ? 64 ? f_angle_d          ? ? 
'X-RAY DIFFRACTION' ? 0.061 ? 5  ? f_chiral_restr     ? ? 
'X-RAY DIFFRACTION' ? 0.005 ? 8  ? f_plane_restr      ? ? 
'X-RAY DIFFRACTION' ? 7.005 ? 25 ? f_dihedral_angle_d ? ? 
# 
_refine_ls_shell.pdbx_refine_id                   'X-RAY DIFFRACTION' 
_refine_ls_shell.d_res_high                       1.5029 
_refine_ls_shell.d_res_low                        1.6 
_refine_ls_shell.number_reflns_all                779 
_refine_ls_shell.number_reflns_obs                ? 
_refine_ls_shell.number_reflns_R_free             78 
_refine_ls_shell.number_reflns_R_work             701 
_refine_ls_shell.percent_reflns_obs               95.0000 
_refine_ls_shell.percent_reflns_R_free            ? 
_refine_ls_shell.R_factor_all                     ? 
_refine_ls_shell.R_factor_obs                     ? 
_refine_ls_shell.R_factor_R_free                  0.2407 
_refine_ls_shell.R_factor_R_free_error            0.0000 
_refine_ls_shell.R_factor_R_work                  0.2040 
_refine_ls_shell.redundancy_reflns_all            ? 
_refine_ls_shell.redundancy_reflns_obs            ? 
_refine_ls_shell.wR_factor_all                    ? 
_refine_ls_shell.wR_factor_obs                    ? 
_refine_ls_shell.wR_factor_R_free                 ? 
_refine_ls_shell.wR_factor_R_work                 ? 
_refine_ls_shell.pdbx_total_number_of_bins_used   1 
_refine_ls_shell.pdbx_phase_error                 ? 
_refine_ls_shell.pdbx_fsc_work                    ? 
_refine_ls_shell.pdbx_fsc_free                    ? 
# 
_struct.entry_id                     5XRR 
_struct.title                        'Crystal structure of FUS (54-59) SYSSYG' 
_struct.pdbx_model_details           ? 
_struct.pdbx_formula_weight          ? 
_struct.pdbx_formula_weight_method   ? 
_struct.pdbx_model_type_details      ? 
_struct.pdbx_CASP_flag               N 
# 
_struct_keywords.entry_id        5XRR 
_struct_keywords.text            
'reversible amyloid, hydrous amyloid fibril spine, low complexity domain, RNA granule assembly, RNA BINDING PROTEIN' 
_struct_keywords.pdbx_keywords   'RNA BINDING PROTEIN' 
# 
loop_
_struct_asym.id 
_struct_asym.pdbx_blank_PDB_chainid_flag 
_struct_asym.pdbx_modified 
_struct_asym.entity_id 
_struct_asym.details 
A N N 1 ? 
B N N 2 ? 
C N N 3 ? 
# 
_struct_ref.id                         1 
_struct_ref.db_name                    UNP 
_struct_ref.db_code                    FUS_HUMAN 
_struct_ref.pdbx_db_accession          P35637 
_struct_ref.pdbx_db_isoform            ? 
_struct_ref.entity_id                  1 
_struct_ref.pdbx_seq_one_letter_code   SYSSYG 
_struct_ref.pdbx_align_begin           54 
# 
_struct_ref_seq.align_id                      1 
_struct_ref_seq.ref_id                        1 
_struct_ref_seq.pdbx_PDB_id_code              5XRR 
_struct_ref_seq.pdbx_strand_id                A 
_struct_ref_seq.seq_align_beg                 1 
_struct_ref_seq.pdbx_seq_align_beg_ins_code   ? 
_struct_ref_seq.seq_align_end                 6 
_struct_ref_seq.pdbx_seq_align_end_ins_code   ? 
_struct_ref_seq.pdbx_db_accession             P35637 
_struct_ref_seq.db_align_beg                  54 
_struct_ref_seq.pdbx_db_align_beg_ins_code    ? 
_struct_ref_seq.db_align_end                  59 
_struct_ref_seq.pdbx_db_align_end_ins_code    ? 
_struct_ref_seq.pdbx_auth_seq_align_beg       69 
_struct_ref_seq.pdbx_auth_seq_align_end       74 
# 
loop_
_pdbx_struct_assembly.id 
_pdbx_struct_assembly.details 
_pdbx_struct_assembly.method_details 
_pdbx_struct_assembly.oligomeric_details 
_pdbx_struct_assembly.oligomeric_count 
1 author_defined_assembly   ?    monomeric 1 
2 software_defined_assembly PISA dimeric   2 
# 
loop_
_pdbx_struct_assembly_prop.biol_id 
_pdbx_struct_assembly_prop.type 
_pdbx_struct_assembly_prop.value 
_pdbx_struct_assembly_prop.details 
1 'ABSA (A^2)' 30   ? 
1 MORE         -8   ? 
1 'SSA (A^2)'  940  ? 
2 'ABSA (A^2)' 210  ? 
2 MORE         -53  ? 
2 'SSA (A^2)'  1740 ? 
# 
loop_
_pdbx_struct_assembly_gen.assembly_id 
_pdbx_struct_assembly_gen.oper_expression 
_pdbx_struct_assembly_gen.asym_id_list 
1 1   A,B,C 
2 1,2 A,B,C 
# 
_pdbx_struct_assembly_auth_evidence.id                     1 
_pdbx_struct_assembly_auth_evidence.assembly_id            1 
_pdbx_struct_assembly_auth_evidence.experimental_support   'mass spectrometry' 
_pdbx_struct_assembly_auth_evidence.details                ? 
# 
loop_
_pdbx_struct_oper_list.id 
_pdbx_struct_oper_list.type 
_pdbx_struct_oper_list.name 
_pdbx_struct_oper_list.symmetry_operation 
_pdbx_struct_oper_list.matrix[1][1] 
_pdbx_struct_oper_list.matrix[1][2] 
_pdbx_struct_oper_list.matrix[1][3] 
_pdbx_struct_oper_list.vector[1] 
_pdbx_struct_oper_list.matrix[2][1] 
_pdbx_struct_oper_list.matrix[2][2] 
_pdbx_struct_oper_list.matrix[2][3] 
_pdbx_struct_oper_list.vector[2] 
_pdbx_struct_oper_list.matrix[3][1] 
_pdbx_struct_oper_list.matrix[3][2] 
_pdbx_struct_oper_list.matrix[3][3] 
_pdbx_struct_oper_list.vector[3] 
1 'identity operation'         1_555 x,y,z     1.0000000000 0.0000000000  0.0000000000 0.0000000000 0.0000000000  1.0000000000  0.0000000000  0.0000000000  0.0000000000 0.0000000000  1.0000000000  0.0000000000   
2 'crystal symmetry operation' 2_585 -x,-y+3,z 0.6280608520 -0.0201032514 0.7779045092 8.1152346524 -0.0201032514 -0.9997517656 -0.0096055439 -9.4916041748 0.7779045092 -0.0096055439 -0.6283090864 -17.2295028352 
# 
loop_
_struct_conn.id 
_struct_conn.conn_type_id 
_struct_conn.pdbx_leaving_atom_flag 
_struct_conn.pdbx_PDB_id 
_struct_conn.ptnr1_label_asym_id 
_struct_conn.ptnr1_label_comp_id 
_struct_conn.ptnr1_label_seq_id 
_struct_conn.ptnr1_label_atom_id 
_struct_conn.pdbx_ptnr1_label_alt_id 
_struct_conn.pdbx_ptnr1_PDB_ins_code 
_struct_conn.pdbx_ptnr1_standard_comp_id 
_struct_conn.ptnr1_symmetry 
_struct_conn.ptnr2_label_asym_id 
_struct_conn.ptnr2_label_comp_id 
_struct_conn.ptnr2_label_seq_id 
_struct_conn.ptnr2_label_atom_id 
_struct_conn.pdbx_ptnr2_label_alt_id 
_struct_conn.pdbx_ptnr2_PDB_ins_code 
_struct_conn.ptnr1_auth_asym_id 
_struct_conn.ptnr1_auth_comp_id 
_struct_conn.ptnr1_auth_seq_id 
_struct_conn.ptnr2_auth_asym_id 
_struct_conn.ptnr2_auth_comp_id 
_struct_conn.ptnr2_auth_seq_id 
_struct_conn.ptnr2_symmetry 
_struct_conn.pdbx_ptnr3_label_atom_id 
_struct_conn.pdbx_ptnr3_label_seq_id 
_struct_conn.pdbx_ptnr3_label_comp_id 
_struct_conn.pdbx_ptnr3_label_asym_id 
_struct_conn.pdbx_ptnr3_label_alt_id 
_struct_conn.pdbx_ptnr3_PDB_ins_code 
_struct_conn.details 
_struct_conn.pdbx_dist_value 
_struct_conn.pdbx_value_order 
_struct_conn.pdbx_role 
metalc1 metalc ? ? A SER 1 N   ? ? ? 1_555 B ZN . ZN ? ? A SER 69 A ZN 101 4_476 ? ? ? ? ? ? ? 2.025 ? ? 
metalc2 metalc ? ? A GLY 6 O   ? ? ? 1_555 B ZN . ZN ? ? A GLY 74 A ZN 101 1_555 ? ? ? ? ? ? ? 2.254 ? ? 
metalc3 metalc ? ? A GLY 6 O   ? ? ? 1_555 B ZN . ZN ? ? A GLY 74 A ZN 101 2_585 ? ? ? ? ? ? ? 1.892 ? ? 
metalc4 metalc ? ? A GLY 6 OXT ? ? ? 1_555 B ZN . ZN ? ? A GLY 74 A ZN 101 2_585 ? ? ? ? ? ? ? 2.455 ? ? 
# 
_struct_conn_type.id          metalc 
_struct_conn_type.criteria    ? 
_struct_conn_type.reference   ? 
# 
loop_
_pdbx_struct_conn_angle.id 
_pdbx_struct_conn_angle.ptnr1_label_atom_id 
_pdbx_struct_conn_angle.ptnr1_label_alt_id 
_pdbx_struct_conn_angle.ptnr1_label_asym_id 
_pdbx_struct_conn_angle.ptnr1_label_comp_id 
_pdbx_struct_conn_angle.ptnr1_label_seq_id 
_pdbx_struct_conn_angle.ptnr1_auth_atom_id 
_pdbx_struct_conn_angle.ptnr1_auth_asym_id 
_pdbx_struct_conn_angle.ptnr1_auth_comp_id 
_pdbx_struct_conn_angle.ptnr1_auth_seq_id 
_pdbx_struct_conn_angle.ptnr1_PDB_ins_code 
_pdbx_struct_conn_angle.ptnr1_symmetry 
_pdbx_struct_conn_angle.ptnr2_label_atom_id 
_pdbx_struct_conn_angle.ptnr2_label_alt_id 
_pdbx_struct_conn_angle.ptnr2_label_asym_id 
_pdbx_struct_conn_angle.ptnr2_label_comp_id 
_pdbx_struct_conn_angle.ptnr2_label_seq_id 
_pdbx_struct_conn_angle.ptnr2_auth_atom_id 
_pdbx_struct_conn_angle.ptnr2_auth_asym_id 
_pdbx_struct_conn_angle.ptnr2_auth_comp_id 
_pdbx_struct_conn_angle.ptnr2_auth_seq_id 
_pdbx_struct_conn_angle.ptnr2_PDB_ins_code 
_pdbx_struct_conn_angle.ptnr2_symmetry 
_pdbx_struct_conn_angle.ptnr3_label_atom_id 
_pdbx_struct_conn_angle.ptnr3_label_alt_id 
_pdbx_struct_conn_angle.ptnr3_label_asym_id 
_pdbx_struct_conn_angle.ptnr3_label_comp_id 
_pdbx_struct_conn_angle.ptnr3_label_seq_id 
_pdbx_struct_conn_angle.ptnr3_auth_atom_id 
_pdbx_struct_conn_angle.ptnr3_auth_asym_id 
_pdbx_struct_conn_angle.ptnr3_auth_comp_id 
_pdbx_struct_conn_angle.ptnr3_auth_seq_id 
_pdbx_struct_conn_angle.ptnr3_PDB_ins_code 
_pdbx_struct_conn_angle.ptnr3_symmetry 
_pdbx_struct_conn_angle.value 
_pdbx_struct_conn_angle.value_esd 
1 N ? A SER 1 ? A SER 69 ? 1_555 ZN ? B ZN . ? A ZN 101 ? 4_476 O   ? A GLY 6 ? A GLY 74 ? 1_555 52.7 ? 
2 N ? A SER 1 ? A SER 69 ? 1_555 ZN ? B ZN . ? A ZN 101 ? 4_476 O   ? A GLY 6 ? A GLY 74 ? 1_555 52.7 ? 
3 O ? A GLY 6 ? A GLY 74 ? 1_555 ZN ? B ZN . ? A ZN 101 ? 4_476 O   ? A GLY 6 ? A GLY 74 ? 1_555 0.0  ? 
4 N ? A SER 1 ? A SER 69 ? 1_555 ZN ? B ZN . ? A ZN 101 ? 4_476 OXT ? A GLY 6 ? A GLY 74 ? 1_555 54.8 ? 
5 O ? A GLY 6 ? A GLY 74 ? 1_555 ZN ? B ZN . ? A ZN 101 ? 4_476 OXT ? A GLY 6 ? A GLY 74 ? 1_555 4.7  ? 
6 O ? A GLY 6 ? A GLY 74 ? 1_555 ZN ? B ZN . ? A ZN 101 ? 4_476 OXT ? A GLY 6 ? A GLY 74 ? 1_555 4.7  ? 
# 
_struct_site.id                   AC1 
_struct_site.pdbx_evidence_code   Software 
_struct_site.pdbx_auth_asym_id    A 
_struct_site.pdbx_auth_comp_id    ZN 
_struct_site.pdbx_auth_seq_id     101 
_struct_site.pdbx_auth_ins_code   ? 
_struct_site.pdbx_num_residues    4 
_struct_site.details              'binding site for residue ZN A 101' 
# 
loop_
_struct_site_gen.id 
_struct_site_gen.site_id 
_struct_site_gen.pdbx_num_res 
_struct_site_gen.label_comp_id 
_struct_site_gen.label_asym_id 
_struct_site_gen.label_seq_id 
_struct_site_gen.pdbx_auth_ins_code 
_struct_site_gen.auth_comp_id 
_struct_site_gen.auth_asym_id 
_struct_site_gen.auth_seq_id 
_struct_site_gen.label_atom_id 
_struct_site_gen.label_alt_id 
_struct_site_gen.symmetry 
_struct_site_gen.details 
1 AC1 4 SER A 1 ? SER A 69 . ? 3_456 ? 
2 AC1 4 SER A 1 ? SER A 69 . ? 4_576 ? 
3 AC1 4 GLY A 6 ? GLY A 74 . ? 1_556 ? 
4 AC1 4 GLY A 6 ? GLY A 74 . ? 1_555 ? 
# 
_pdbx_struct_special_symmetry.id              1 
_pdbx_struct_special_symmetry.PDB_model_num   1 
_pdbx_struct_special_symmetry.auth_asym_id    A 
_pdbx_struct_special_symmetry.auth_comp_id    HOH 
_pdbx_struct_special_symmetry.auth_seq_id     201 
_pdbx_struct_special_symmetry.PDB_ins_code    ? 
_pdbx_struct_special_symmetry.label_asym_id   C 
_pdbx_struct_special_symmetry.label_comp_id   HOH 
_pdbx_struct_special_symmetry.label_seq_id    . 
# 
loop_
_chem_comp_atom.comp_id 
_chem_comp_atom.atom_id 
_chem_comp_atom.type_symbol 
_chem_comp_atom.pdbx_aromatic_flag 
_chem_comp_atom.pdbx_stereo_config 
_chem_comp_atom.pdbx_ordinal 
GLY N   N  N N 1  
GLY CA  C  N N 2  
GLY C   C  N N 3  
GLY O   O  N N 4  
GLY OXT O  N N 5  
GLY H   H  N N 6  
GLY H2  H  N N 7  
GLY HA2 H  N N 8  
GLY HA3 H  N N 9  
GLY HXT H  N N 10 
HOH O   O  N N 11 
HOH H1  H  N N 12 
HOH H2  H  N N 13 
SER N   N  N N 14 
SER CA  C  N S 15 
SER C   C  N N 16 
SER O   O  N N 17 
SER CB  C  N N 18 
SER OG  O  N N 19 
SER OXT O  N N 20 
SER H   H  N N 21 
SER H2  H  N N 22 
SER HA  H  N N 23 
SER HB2 H  N N 24 
SER HB3 H  N N 25 
SER HG  H  N N 26 
SER HXT H  N N 27 
TYR N   N  N N 28 
TYR CA  C  N S 29 
TYR C   C  N N 30 
TYR O   O  N N 31 
TYR CB  C  N N 32 
TYR CG  C  Y N 33 
TYR CD1 C  Y N 34 
TYR CD2 C  Y N 35 
TYR CE1 C  Y N 36 
TYR CE2 C  Y N 37 
TYR CZ  C  Y N 38 
TYR OH  O  N N 39 
TYR OXT O  N N 40 
TYR H   H  N N 41 
TYR H2  H  N N 42 
TYR HA  H  N N 43 
TYR HB2 H  N N 44 
TYR HB3 H  N N 45 
TYR HD1 H  N N 46 
TYR HD2 H  N N 47 
TYR HE1 H  N N 48 
TYR HE2 H  N N 49 
TYR HH  H  N N 50 
TYR HXT H  N N 51 
ZN  ZN  ZN N N 52 
# 
loop_
_chem_comp_bond.comp_id 
_chem_comp_bond.atom_id_1 
_chem_comp_bond.atom_id_2 
_chem_comp_bond.value_order 
_chem_comp_bond.pdbx_aromatic_flag 
_chem_comp_bond.pdbx_stereo_config 
_chem_comp_bond.pdbx_ordinal 
GLY N   CA  sing N N 1  
GLY N   H   sing N N 2  
GLY N   H2  sing N N 3  
GLY CA  C   sing N N 4  
GLY CA  HA2 sing N N 5  
GLY CA  HA3 sing N N 6  
GLY C   O   doub N N 7  
GLY C   OXT sing N N 8  
GLY OXT HXT sing N N 9  
HOH O   H1  sing N N 10 
HOH O   H2  sing N N 11 
SER N   CA  sing N N 12 
SER N   H   sing N N 13 
SER N   H2  sing N N 14 
SER CA  C   sing N N 15 
SER CA  CB  sing N N 16 
SER CA  HA  sing N N 17 
SER C   O   doub N N 18 
SER C   OXT sing N N 19 
SER CB  OG  sing N N 20 
SER CB  HB2 sing N N 21 
SER CB  HB3 sing N N 22 
SER OG  HG  sing N N 23 
SER OXT HXT sing N N 24 
TYR N   CA  sing N N 25 
TYR N   H   sing N N 26 
TYR N   H2  sing N N 27 
TYR CA  C   sing N N 28 
TYR CA  CB  sing N N 29 
TYR CA  HA  sing N N 30 
TYR C   O   doub N N 31 
TYR C   OXT sing N N 32 
TYR CB  CG  sing N N 33 
TYR CB  HB2 sing N N 34 
TYR CB  HB3 sing N N 35 
TYR CG  CD1 doub Y N 36 
TYR CG  CD2 sing Y N 37 
TYR CD1 CE1 sing Y N 38 
TYR CD1 HD1 sing N N 39 
TYR CD2 CE2 doub Y N 40 
TYR CD2 HD2 sing N N 41 
TYR CE1 CZ  doub Y N 42 
TYR CE1 HE1 sing N N 43 
TYR CE2 CZ  sing Y N 44 
TYR CE2 HE2 sing N N 45 
TYR CZ  OH  sing N N 46 
TYR OH  HH  sing N N 47 
TYR OXT HXT sing N N 48 
# 
loop_
_pdbx_audit_support.funding_organization 
_pdbx_audit_support.country 
_pdbx_audit_support.grant_number 
_pdbx_audit_support.ordinal 
'the State HighTech Development Plan the 863 Program' China 2015AA020907   1 
'the Major State Basic Research Development Program'  China 2016YFA0501902 2 
# 
_atom_sites.entry_id                    5XRR 
_atom_sites.fract_transf_matrix[1][1]   0.01246309 
_atom_sites.fract_transf_matrix[1][2]   0.02112902 
_atom_sites.fract_transf_matrix[1][3]   -0.02553772 
_atom_sites.fract_transf_matrix[2][1]   0.00823233 
_atom_sites.fract_transf_matrix[2][2]   -0.02650816 
_atom_sites.fract_transf_matrix[2][3]   -0.01791433 
_atom_sites.fract_transf_matrix[3][1]   -0.18875235 
_atom_sites.fract_transf_matrix[3][2]   0.00233071 
_atom_sites.fract_transf_matrix[3][3]   -0.09018785 
_atom_sites.fract_transf_vector[1]      -0.170297 
_atom_sites.fract_transf_vector[2]      1.186466 
_atom_sites.fract_transf_vector[3]      0.294177 
# 
loop_
_atom_type.symbol 
C  
H  
N  
O  
ZN 
# 
loop_
_atom_site.group_PDB 
_atom_site.id 
_atom_site.type_symbol 
_atom_site.label_atom_id 
_atom_site.label_alt_id 
_atom_site.label_comp_id 
_atom_site.label_asym_id 
_atom_site.label_entity_id 
_atom_site.label_seq_id 
_atom_site.pdbx_PDB_ins_code 
_atom_site.Cartn_x 
_atom_site.Cartn_y 
_atom_site.Cartn_z 
_atom_site.occupancy 
_atom_site.B_iso_or_equiv 
_atom_site.pdbx_formal_charge 
_atom_site.auth_seq_id 
_atom_site.auth_comp_id 
_atom_site.auth_asym_id 
_atom_site.auth_atom_id 
_atom_site.pdbx_PDB_model_num 
ATOM   1  N  N   . SER A 1 1 ? -3.484 0.263  8.940  1.00 2.65  ? 69  SER A N   1 
ATOM   2  C  CA  . SER A 1 1 ? -3.660 0.650  7.547  1.00 1.56  ? 69  SER A CA  1 
ATOM   3  C  C   . SER A 1 1 ? -2.687 -0.115 6.661  1.00 3.33  ? 69  SER A C   1 
ATOM   4  O  O   . SER A 1 1 ? -1.584 -0.448 7.085  1.00 4.02  ? 69  SER A O   1 
ATOM   5  C  CB  . SER A 1 1 ? -3.436 2.145  7.375  1.00 3.99  ? 69  SER A CB  1 
ATOM   6  O  OG  . SER A 1 1 ? -2.132 2.502  7.821  1.00 7.72  ? 69  SER A OG  1 
ATOM   7  H  HA  . SER A 1 1 ? -4.563 0.440  7.264  1.00 2.04  ? 69  SER A HA  1 
ATOM   8  H  HB2 . SER A 1 1 ? -3.524 2.374  6.437  1.00 4.95  ? 69  SER A HB2 1 
ATOM   9  H  HB3 . SER A 1 1 ? -4.095 2.628  7.899  1.00 4.95  ? 69  SER A HB3 1 
ATOM   10 H  HG  . SER A 1 1 ? -2.044 2.307  8.633  1.00 9.42  ? 69  SER A HG  1 
ATOM   11 N  N   . TYR A 1 2 ? -3.117 -0.361 5.425  1.00 1.45  ? 70  TYR A N   1 
ATOM   12 C  CA  . TYR A 1 2 ? -2.319 -1.012 4.394  1.00 1.74  ? 70  TYR A CA  1 
ATOM   13 C  C   . TYR A 1 2 ? -2.318 -0.128 3.150  1.00 2.09  ? 70  TYR A C   1 
ATOM   14 O  O   . TYR A 1 2 ? -3.386 0.197  2.613  1.00 1.16  ? 70  TYR A O   1 
ATOM   15 C  CB  . TYR A 1 2 ? -2.881 -2.390 4.054  1.00 3.37  ? 70  TYR A CB  1 
ATOM   16 C  CG  . TYR A 1 2 ? -2.116 -3.135 2.970  1.00 4.73  ? 70  TYR A CG  1 
ATOM   17 C  CD1 . TYR A 1 2 ? -1.262 -4.184 3.295  1.00 4.37  ? 70  TYR A CD1 1 
ATOM   18 C  CD2 . TYR A 1 2 ? -2.262 -2.809 1.618  1.00 4.45  ? 70  TYR A CD2 1 
ATOM   19 C  CE1 . TYR A 1 2 ? -0.572 -4.880 2.319  1.00 4.62  ? 70  TYR A CE1 1 
ATOM   20 C  CE2 . TYR A 1 2 ? -1.558 -3.508 0.629  1.00 4.97  ? 70  TYR A CE2 1 
ATOM   21 C  CZ  . TYR A 1 2 ? -0.719 -4.546 1.000  1.00 7.80  ? 70  TYR A CZ  1 
ATOM   22 O  OH  . TYR A 1 2 ? -0.014 -5.273 0.066  1.00 11.01 ? 70  TYR A OH  1 
ATOM   23 H  H   . TYR A 1 2 ? -3.904 -0.148 5.152  1.00 1.90  ? 70  TYR A H   1 
ATOM   24 H  HA  . TYR A 1 2 ? -1.405 -1.117 4.703  1.00 2.25  ? 70  TYR A HA  1 
ATOM   25 H  HB2 . TYR A 1 2 ? -2.865 -2.937 4.854  1.00 4.20  ? 70  TYR A HB2 1 
ATOM   26 H  HB3 . TYR A 1 2 ? -3.796 -2.285 3.749  1.00 4.20  ? 70  TYR A HB3 1 
ATOM   27 H  HD1 . TYR A 1 2 ? -1.155 -4.423 4.187  1.00 5.41  ? 70  TYR A HD1 1 
ATOM   28 H  HD2 . TYR A 1 2 ? -2.828 -2.112 1.373  1.00 5.50  ? 70  TYR A HD2 1 
ATOM   29 H  HE1 . TYR A 1 2 ? -0.006 -5.577 2.560  1.00 5.70  ? 70  TYR A HE1 1 
ATOM   30 H  HE2 . TYR A 1 2 ? -1.661 -3.284 -0.268 1.00 6.12  ? 70  TYR A HE2 1 
ATOM   31 H  HH  . TYR A 1 2 ? -0.177 -4.985 -0.706 1.00 13.38 ? 70  TYR A HH  1 
ATOM   32 N  N   . SER A 1 3 ? -1.121 0.216  2.653  1.00 2.74  ? 71  SER A N   1 
ATOM   33 C  CA  . SER A 1 3 ? -0.926 1.010  1.444  1.00 2.47  ? 71  SER A CA  1 
ATOM   34 C  C   . SER A 1 3 ? 0.145  0.326  0.612  1.00 3.29  ? 71  SER A C   1 
ATOM   35 O  O   . SER A 1 3 ? 1.218  -0.004 1.133  1.00 5.00  ? 71  SER A O   1 
ATOM   36 C  CB  . SER A 1 3 ? -0.491 2.432  1.778  1.00 9.16  ? 71  SER A CB  1 
ATOM   37 O  OG  . SER A 1 3 ? -1.504 3.112  2.487  1.00 11.08 ? 71  SER A OG  1 
ATOM   38 H  H   . SER A 1 3 ? -0.379 -0.014 3.022  1.00 3.45  ? 71  SER A H   1 
ATOM   39 H  HA  . SER A 1 3 ? -1.749 1.043  0.932  1.00 3.13  ? 71  SER A HA  1 
ATOM   40 H  HB2 . SER A 1 3 ? 0.308  2.398  2.326  1.00 11.15 ? 71  SER A HB2 1 
ATOM   41 H  HB3 . SER A 1 3 ? -0.309 2.908  0.953  1.00 11.15 ? 71  SER A HB3 1 
ATOM   42 H  HG  . SER A 1 3 ? -1.672 2.709  3.204  1.00 13.46 ? 71  SER A HG  1 
ATOM   43 N  N   . SER A 1 4 ? -0.150 0.074  -0.658 1.00 4.99  ? 72  SER A N   1 
ATOM   44 C  CA  . SER A 1 4 ? 0.843  -0.484 -1.575 1.00 5.39  ? 72  SER A CA  1 
ATOM   45 C  C   . SER A 1 4 ? 0.815  0.239  -2.905 1.00 4.63  ? 72  SER A C   1 
ATOM   46 O  O   . SER A 1 4 ? -0.252 0.438  -3.494 1.00 6.60  ? 72  SER A O   1 
ATOM   47 C  CB  . SER A 1 4 ? 0.617  -1.991 -1.806 1.00 12.64 ? 72  SER A CB  1 
ATOM   48 O  OG  . SER A 1 4 ? 1.576  -2.519 -2.725 1.00 14.46 ? 72  SER A OG  1 
ATOM   49 H  H   . SER A 1 4 ? -0.919 0.219  -1.017 1.00 6.15  ? 72  SER A H   1 
ATOM   50 H  HA  . SER A 1 4 ? 1.726  -0.369 -1.190 1.00 6.63  ? 72  SER A HA  1 
ATOM   51 H  HB2 . SER A 1 4 ? 0.702  -2.456 -0.959 1.00 15.33 ? 72  SER A HB2 1 
ATOM   52 H  HB3 . SER A 1 4 ? -0.274 -2.124 -2.168 1.00 15.33 ? 72  SER A HB3 1 
ATOM   53 H  HG  . SER A 1 4 ? 1.441  -3.340 -2.841 1.00 17.51 ? 72  SER A HG  1 
ATOM   54 N  N   . TYR A 1 5 ? 2.010  0.587  -3.376 1.00 4.41  ? 73  TYR A N   1 
ATOM   55 C  CA  . TYR A 1 5 ? 2.255  1.152  -4.701 1.00 3.91  ? 73  TYR A CA  1 
ATOM   56 C  C   . TYR A 1 5 ? 3.277  0.258  -5.392 1.00 3.09  ? 73  TYR A C   1 
ATOM   57 O  O   . TYR A 1 5 ? 4.442  0.211  -4.985 1.00 3.92  ? 73  TYR A O   1 
ATOM   58 C  CB  . TYR A 1 5 ? 2.783  2.584  -4.610 1.00 4.92  ? 73  TYR A CB  1 
ATOM   59 C  CG  . TYR A 1 5 ? 1.964  3.514  -3.765 1.00 8.63  ? 73  TYR A CG  1 
ATOM   60 C  CD1 . TYR A 1 5 ? 1.163  4.483  -4.343 1.00 9.90  ? 73  TYR A CD1 1 
ATOM   61 C  CD2 . TYR A 1 5 ? 2.022  3.442  -2.389 1.00 11.11 ? 73  TYR A CD2 1 
ATOM   62 C  CE1 . TYR A 1 5 ? 0.415  5.351  -3.549 1.00 12.01 ? 73  TYR A CE1 1 
ATOM   63 C  CE2 . TYR A 1 5 ? 1.284  4.283  -1.597 1.00 14.95 ? 73  TYR A CE2 1 
ATOM   64 C  CZ  . TYR A 1 5 ? 0.482  5.233  -2.173 1.00 15.41 ? 73  TYR A CZ  1 
ATOM   65 O  OH  . TYR A 1 5 ? -0.235 6.056  -1.327 1.00 21.69 ? 73  TYR A OH  1 
ATOM   66 H  H   . TYR A 1 5 ? 2.733  0.499  -2.920 1.00 5.46  ? 73  TYR A H   1 
ATOM   67 H  HA  . TYR A 1 5 ? 1.434  1.151  -5.219 1.00 4.85  ? 73  TYR A HA  1 
ATOM   68 H  HB2 . TYR A 1 5 ? 3.677  2.559  -4.233 1.00 6.07  ? 73  TYR A HB2 1 
ATOM   69 H  HB3 . TYR A 1 5 ? 2.819  2.957  -5.505 1.00 6.07  ? 73  TYR A HB3 1 
ATOM   70 H  HD1 . TYR A 1 5 ? 1.119  4.551  -5.269 1.00 12.04 ? 73  TYR A HD1 1 
ATOM   71 H  HD2 . TYR A 1 5 ? 2.557  2.795  -1.990 1.00 13.50 ? 73  TYR A HD2 1 
ATOM   72 H  HE1 . TYR A 1 5 ? -0.131 5.994  -3.941 1.00 14.57 ? 73  TYR A HE1 1 
ATOM   73 H  HE2 . TYR A 1 5 ? 1.330  4.211  -0.672 1.00 18.10 ? 73  TYR A HE2 1 
ATOM   74 H  HH  . TYR A 1 5 ? -0.082 5.851  -0.527 1.00 26.19 ? 73  TYR A HH  1 
ATOM   75 N  N   . GLY A 1 6 ? 2.867  -0.448 -6.429 1.00 3.53  ? 74  GLY A N   1 
ATOM   76 C  CA  . GLY A 1 6 ? 3.807  -1.316 -7.110 1.00 3.39  ? 74  GLY A CA  1 
ATOM   77 C  C   . GLY A 1 6 ? 3.170  -2.571 -7.633 1.00 5.09  ? 74  GLY A C   1 
ATOM   78 O  O   . GLY A 1 6 ? 3.863  -3.449 -8.148 1.00 7.23  ? 74  GLY A O   1 
ATOM   79 O  OXT . GLY A 1 6 ? 1.956  -2.696 -7.505 1.00 7.50  ? 74  GLY A OXT 1 
ATOM   80 H  H   . GLY A 1 6 ? 2.070  -0.445 -6.753 1.00 4.40  ? 74  GLY A H   1 
ATOM   81 H  HA2 . GLY A 1 6 ? 4.201  -0.839 -7.857 1.00 4.23  ? 74  GLY A HA2 1 
ATOM   82 H  HA3 . GLY A 1 6 ? 4.516  -1.565 -6.497 1.00 4.23  ? 74  GLY A HA3 1 
HETATM 83 ZN ZN  . ZN  B 2 . ? 2.842  -4.897 -9.541 0.99 13.59 ? 101 ZN  A ZN  1 
HETATM 84 O  O   . HOH C 3 . ? -2.203 7.428  -1.610 0.44 35.23 ? 201 HOH A O   1 
HETATM 85 O  O   . HOH C 3 . ? 2.619  -3.817 -4.535 1.00 12.30 ? 202 HOH A O   1 
HETATM 86 O  O   . HOH C 3 . ? -0.748 2.389  5.434  1.00 12.78 ? 203 HOH A O   1 
HETATM 87 O  O   . HOH C 3 . ? 1.818  -5.299 -2.346 1.00 31.00 ? 204 HOH A O   1 
HETATM 88 O  O   . HOH C 3 . ? 0.164  -2.293 -5.183 1.00 7.70  ? 205 HOH A O   1 
# 
loop_
_atom_site_anisotrop.id 
_atom_site_anisotrop.type_symbol 
_atom_site_anisotrop.pdbx_label_atom_id 
_atom_site_anisotrop.pdbx_label_alt_id 
_atom_site_anisotrop.pdbx_label_comp_id 
_atom_site_anisotrop.pdbx_label_asym_id 
_atom_site_anisotrop.pdbx_label_seq_id 
_atom_site_anisotrop.pdbx_PDB_ins_code 
_atom_site_anisotrop.U[1][1] 
_atom_site_anisotrop.U[2][2] 
_atom_site_anisotrop.U[3][3] 
_atom_site_anisotrop.U[1][2] 
_atom_site_anisotrop.U[1][3] 
_atom_site_anisotrop.U[2][3] 
_atom_site_anisotrop.pdbx_auth_seq_id 
_atom_site_anisotrop.pdbx_auth_comp_id 
_atom_site_anisotrop.pdbx_auth_asym_id 
_atom_site_anisotrop.pdbx_auth_atom_id 
1  N  N   . SER A 1 ? 0.0243 0.0339 0.0424 -0.0037 0.0175  -0.0016 69  SER A N   
2  C  CA  . SER A 1 ? 0.0093 0.0243 0.0258 0.0055  0.0042  -0.0034 69  SER A CA  
3  C  C   . SER A 1 ? 0.0438 0.0328 0.0500 0.0132  0.0262  0.0120  69  SER A C   
4  O  O   . SER A 1 ? 0.0820 0.0267 0.0439 0.0085  0.0351  0.0069  69  SER A O   
5  C  CB  . SER A 1 ? 0.0343 0.0338 0.0833 -0.0087 0.0234  -0.0229 69  SER A CB  
6  O  OG  . SER A 1 ? 0.0982 0.0505 0.1445 -0.0134 0.0435  -0.0247 69  SER A OG  
11 N  N   . TYR A 2 ? 0.0104 0.0301 0.0144 0.0054  0.0026  0.0093  70  TYR A N   
12 C  CA  . TYR A 2 ? 0.0114 0.0389 0.0158 -0.0032 -0.0013 -0.0057 70  TYR A CA  
13 C  C   . TYR A 2 ? 0.0157 0.0461 0.0176 0.0158  0.0040  0.0111  70  TYR A C   
14 O  O   . TYR A 2 ? 0.0044 0.0292 0.0102 0.0065  0.0017  0.0066  70  TYR A O   
15 C  CB  . TYR A 2 ? 0.0398 0.0588 0.0294 -0.0170 -0.0091 -0.0088 70  TYR A CB  
16 C  CG  . TYR A 2 ? 0.0413 0.0810 0.0572 0.0181  -0.0085 0.0007  70  TYR A CG  
17 C  CD1 . TYR A 2 ? 0.0260 0.0756 0.0645 0.0021  -0.0175 -0.0017 70  TYR A CD1 
18 C  CD2 . TYR A 2 ? 0.0368 0.0718 0.0605 -0.0108 -0.0243 -0.0064 70  TYR A CD2 
19 C  CE1 . TYR A 2 ? 0.0239 0.0815 0.0701 0.0072  -0.0108 0.0000  70  TYR A CE1 
20 C  CE2 . TYR A 2 ? 0.0217 0.0859 0.0810 0.0008  -0.0016 -0.0022 70  TYR A CE2 
21 C  CZ  . TYR A 2 ? 0.0938 0.1158 0.0867 0.0376  0.0370  0.0091  70  TYR A CZ  
22 O  OH  . TYR A 2 ? 0.1967 0.1334 0.0883 0.0523  0.0584  0.0152  70  TYR A OH  
32 N  N   . SER A 3 ? 0.0448 0.0406 0.0189 0.0169  0.0091  0.0073  71  SER A N   
33 C  CA  . SER A 3 ? 0.0247 0.0530 0.0163 0.0169  -0.0026 -0.0034 71  SER A CA  
34 C  C   . SER A 3 ? 0.0214 0.0631 0.0403 0.0093  0.0077  -0.0048 71  SER A C   
35 O  O   . SER A 3 ? 0.0560 0.0816 0.0526 0.0081  0.0301  -0.0101 71  SER A O   
36 C  CB  . SER A 3 ? 0.2071 0.0686 0.0721 0.0414  0.0457  0.0127  71  SER A CB  
37 O  OG  . SER A 3 ? 0.2698 0.0785 0.0728 0.0404  0.0227  0.0046  71  SER A OG  
43 N  N   . SER A 4 ? 0.0611 0.0820 0.0465 0.0312  -0.0184 -0.0002 72  SER A N   
44 C  CA  . SER A 4 ? 0.0537 0.0971 0.0539 0.0237  -0.0231 -0.0046 72  SER A CA  
45 C  C   . SER A 4 ? 0.0303 0.0868 0.0587 0.0157  -0.0118 -0.0033 72  SER A C   
46 O  O   . SER A 4 ? 0.0529 0.1346 0.0630 0.0249  0.0030  -0.0038 72  SER A O   
47 C  CB  . SER A 4 ? 0.2283 0.1389 0.1134 0.0340  0.0491  -0.0169 72  SER A CB  
48 O  OG  . SER A 4 ? 0.2649 0.1545 0.1298 0.0343  0.0234  -0.0187 72  SER A OG  
54 N  N   . TYR A 5 ? 0.0222 0.0797 0.0657 -0.0077 0.0021  -0.0084 73  TYR A N   
55 C  CA  . TYR A 5 ? 0.0294 0.0846 0.0345 0.0157  -0.0078 -0.0128 73  TYR A CA  
56 C  C   . TYR A 5 ? 0.0236 0.0732 0.0204 0.0207  -0.0040 -0.0059 73  TYR A C   
57 O  O   . TYR A 5 ? 0.0359 0.0917 0.0212 0.0270  -0.0042 -0.0047 73  TYR A O   
58 C  CB  . TYR A 5 ? 0.0321 0.0906 0.0642 0.0171  -0.0103 -0.0204 73  TYR A CB  
59 C  CG  . TYR A 5 ? 0.0529 0.1185 0.1565 -0.0069 0.0204  -0.0513 73  TYR A CG  
60 C  CD1 . TYR A 5 ? 0.0608 0.1331 0.1823 -0.0139 0.0145  -0.0686 73  TYR A CD1 
61 C  CD2 . TYR A 5 ? 0.0889 0.1400 0.1933 -0.0014 0.0479  -0.0634 73  TYR A CD2 
62 C  CE1 . TYR A 5 ? 0.0857 0.1475 0.2230 -0.0268 0.0436  -0.0851 73  TYR A CE1 
63 C  CE2 . TYR A 5 ? 0.1761 0.1574 0.2344 0.0031  0.0851  -0.0758 73  TYR A CE2 
64 C  CZ  . TYR A 5 ? 0.1623 0.1749 0.2484 -0.0269 0.0815  -0.1023 73  TYR A CZ  
65 O  OH  . TYR A 5 ? 0.3319 0.2102 0.2821 -0.0303 0.1345  -0.1018 73  TYR A OH  
75 N  N   . GLY A 6 ? 0.0270 0.0722 0.0350 0.0189  -0.0001 -0.0055 74  GLY A N   
76 C  CA  . GLY A 6 ? 0.0231 0.0680 0.0375 -0.0146 0.0070  -0.0275 74  GLY A CA  
77 C  C   . GLY A 6 ? 0.0498 0.0805 0.0630 -0.0307 0.0231  -0.0394 74  GLY A C   
78 O  O   . GLY A 6 ? 0.0929 0.1053 0.0765 -0.0530 0.0377  -0.0418 74  GLY A O   
79 O  OXT . GLY A 6 ? 0.1164 0.0814 0.0872 -0.0312 0.0155  -0.0430 74  GLY A OXT 
83 ZN ZN  . ZN  B . ? 0.1970 0.1702 0.1491 -0.0950 0.0731  -0.0721 101 ZN  A ZN  
84 O  O   . HOH C . ? 0.4837 0.4254 0.4293 0.0533  0.0584  0.0029  201 HOH A O   
85 O  O   . HOH C . ? 0.1291 0.1516 0.1865 -0.0687 -0.0211 0.0608  202 HOH A O   
86 O  O   . HOH C . ? 0.0958 0.1855 0.2042 0.0529  -0.0253 0.0411  203 HOH A O   
87 O  O   . HOH C . ? 0.2557 0.2028 0.7194 0.0340  0.0941  0.0528  204 HOH A O   
88 O  O   . HOH C . ? 0.0426 0.1257 0.1242 0.0076  -0.0192 0.0208  205 HOH A O   
# 
